data_9E83
#
_entry.id   9E83
#
_cell.length_a   60.853
_cell.length_b   51.392
_cell.length_c   64.625
_cell.angle_alpha   90.00
_cell.angle_beta   91.01
_cell.angle_gamma   90.00
#
_symmetry.space_group_name_H-M   'P 1 21 1'
#
loop_
_entity.id
_entity.type
_entity.pdbx_description
1 polymer 'Transmembrane protease serine 2'
2 polymer 'Transmembrane protease serine 2 non-catalytic chain'
3 non-polymer 'CITRIC ACID'
4 non-polymer 1,2-ETHANEDIOL
5 non-polymer '4-(2-aminoethyl)benzoic acid'
6 non-polymer 'UNKNOWN ATOM OR ION'
7 water water
#
loop_
_entity_poly.entity_id
_entity_poly.type
_entity_poly.pdbx_seq_one_letter_code
_entity_poly.pdbx_strand_id
1 'polypeptide(L)'
;IVGGESALPGAWPWQVSLHVQNVHVCGGSIITPEWIVTAAHCVEKPLNNPWHWTAFAGILRQSFMFYGAGYQVEKVISHP
NYDSKTKNNDIALMKLQKPLTFNDLVKPVCLPNPGMMLQPEQLCWISGWGATEEKGKTSEVLNAAKVLLIETQRCNSRYV
YDNLITPAMICAGFLQGNVDSCQGDSGGPLVTSKNNIWWLIGDTSWGSGCAKAYRPGVYGNVMVFTDWIYRQMRADGEFV
EHHHHHHHH
;
B
2 'polypeptide(L)'
;AACVRLYGPNFILQVYSSQRKSWHPVCQDDWNENYGRAACRDMGYKNNFYSSQGIVDDSGSTSFMKLNTSAGNVDIYKKL
YHSDACSSKAVVSLRCIACGVNLNDDDDDK
;
A
#
# COMPACT_ATOMS: atom_id res chain seq x y z
N ILE A 1 -0.41 -2.69 -17.46
CA ILE A 1 0.91 -3.39 -17.35
C ILE A 1 1.40 -3.73 -18.77
N VAL A 2 2.54 -3.12 -19.14
CA VAL A 2 3.19 -3.39 -20.42
C VAL A 2 4.30 -4.38 -20.11
N GLY A 3 4.33 -5.49 -20.84
CA GLY A 3 5.42 -6.45 -20.72
C GLY A 3 5.29 -7.38 -19.52
N GLY A 4 4.09 -7.51 -18.96
CA GLY A 4 3.90 -8.51 -17.91
C GLY A 4 3.20 -9.76 -18.45
N GLU A 5 2.56 -10.47 -17.52
CA GLU A 5 1.89 -11.73 -17.78
C GLU A 5 0.64 -11.82 -16.91
N SER A 6 -0.35 -12.56 -17.37
CA SER A 6 -1.60 -12.71 -16.67
CA SER A 6 -1.61 -12.64 -16.65
C SER A 6 -1.31 -13.13 -15.24
N ALA A 7 -1.96 -12.46 -14.28
CA ALA A 7 -1.90 -12.85 -12.88
C ALA A 7 -2.55 -14.21 -12.71
N LEU A 8 -1.99 -15.03 -11.81
CA LEU A 8 -2.63 -16.26 -11.38
C LEU A 8 -3.70 -15.96 -10.33
N PRO A 9 -4.64 -16.91 -10.10
CA PRO A 9 -5.63 -16.75 -9.04
C PRO A 9 -4.94 -16.66 -7.67
N GLY A 10 -5.22 -15.60 -6.92
CA GLY A 10 -4.75 -15.48 -5.56
C GLY A 10 -3.29 -15.06 -5.44
N ALA A 11 -2.62 -14.74 -6.56
CA ALA A 11 -1.27 -14.19 -6.55
C ALA A 11 -1.26 -12.80 -5.94
N TRP A 12 -2.22 -11.94 -6.32
CA TRP A 12 -2.26 -10.56 -5.88
C TRP A 12 -3.63 -10.28 -5.24
N PRO A 13 -3.93 -10.89 -4.07
CA PRO A 13 -5.30 -10.91 -3.57
C PRO A 13 -5.78 -9.59 -2.96
N TRP A 14 -4.87 -8.62 -2.92
CA TRP A 14 -5.11 -7.28 -2.40
C TRP A 14 -5.51 -6.34 -3.54
N GLN A 15 -5.28 -6.74 -4.80
CA GLN A 15 -5.65 -5.92 -5.95
C GLN A 15 -7.18 -5.82 -6.07
N VAL A 16 -7.69 -4.58 -6.22
CA VAL A 16 -9.09 -4.35 -6.59
C VAL A 16 -9.20 -3.54 -7.89
N SER A 17 -10.26 -3.78 -8.65
CA SER A 17 -10.68 -2.95 -9.77
C SER A 17 -11.67 -1.93 -9.23
N LEU A 18 -11.43 -0.64 -9.49
CA LEU A 18 -12.35 0.41 -9.05
C LEU A 18 -13.11 0.91 -10.28
N HIS A 19 -14.46 0.81 -10.22
CA HIS A 19 -15.35 1.11 -11.34
C HIS A 19 -16.20 2.35 -11.09
N VAL A 20 -16.36 3.13 -12.16
CA VAL A 20 -17.28 4.24 -12.30
C VAL A 20 -18.10 4.00 -13.59
N GLN A 21 -19.43 4.13 -13.50
CA GLN A 21 -20.31 3.96 -14.65
C GLN A 21 -20.11 2.61 -15.34
N ASN A 22 -20.02 1.55 -14.53
CA ASN A 22 -19.88 0.16 -14.95
C ASN A 22 -18.62 -0.13 -15.74
N VAL A 23 -17.53 0.65 -15.53
CA VAL A 23 -16.26 0.27 -16.13
C VAL A 23 -15.11 0.60 -15.18
N HIS A 24 -14.07 -0.24 -15.27
CA HIS A 24 -12.75 -0.05 -14.68
C HIS A 24 -12.22 1.33 -15.02
N VAL A 25 -11.77 2.03 -13.98
CA VAL A 25 -11.11 3.31 -14.07
C VAL A 25 -9.71 3.21 -13.47
N CYS A 26 -9.62 2.55 -12.30
CA CYS A 26 -8.50 2.64 -11.39
C CYS A 26 -8.21 1.31 -10.72
N GLY A 27 -6.96 1.17 -10.29
CA GLY A 27 -6.60 0.13 -9.36
C GLY A 27 -6.64 0.64 -7.93
N GLY A 28 -6.59 -0.32 -6.99
CA GLY A 28 -6.42 -0.04 -5.58
C GLY A 28 -5.85 -1.23 -4.82
N SER A 29 -5.51 -1.00 -3.56
CA SER A 29 -4.91 -2.00 -2.70
C SER A 29 -5.66 -2.13 -1.37
N ILE A 30 -6.10 -3.35 -1.02
CA ILE A 30 -6.79 -3.64 0.22
C ILE A 30 -5.76 -3.64 1.35
N ILE A 31 -6.08 -2.93 2.45
CA ILE A 31 -5.23 -2.88 3.65
C ILE A 31 -6.02 -3.34 4.89
N THR A 32 -7.34 -3.12 4.91
CA THR A 32 -8.22 -3.75 5.88
C THR A 32 -9.48 -4.25 5.16
N PRO A 33 -10.37 -5.00 5.85
CA PRO A 33 -11.66 -5.37 5.28
C PRO A 33 -12.46 -4.20 4.70
N GLU A 34 -12.23 -2.98 5.21
CA GLU A 34 -12.98 -1.84 4.72
C GLU A 34 -12.10 -0.75 4.08
N TRP A 35 -10.76 -0.83 4.14
CA TRP A 35 -9.94 0.27 3.65
C TRP A 35 -9.10 -0.18 2.48
N ILE A 36 -9.09 0.70 1.43
CA ILE A 36 -8.49 0.50 0.13
C ILE A 36 -7.62 1.72 -0.14
N VAL A 37 -6.35 1.51 -0.52
CA VAL A 37 -5.44 2.61 -0.84
C VAL A 37 -5.42 2.84 -2.36
N THR A 38 -5.58 4.08 -2.86
CA THR A 38 -5.58 4.37 -4.29
C THR A 38 -4.84 5.70 -4.56
N ALA A 39 -4.91 6.20 -5.78
CA ALA A 39 -4.29 7.49 -6.03
C ALA A 39 -5.31 8.62 -5.86
N ALA A 40 -4.84 9.78 -5.40
CA ALA A 40 -5.66 10.97 -5.31
C ALA A 40 -6.16 11.43 -6.69
N HIS A 41 -5.35 11.25 -7.76
CA HIS A 41 -5.69 11.76 -9.09
C HIS A 41 -6.93 11.04 -9.65
N CYS A 42 -7.20 9.84 -9.14
CA CYS A 42 -8.36 9.05 -9.54
C CYS A 42 -9.68 9.57 -9.01
N VAL A 43 -9.63 10.28 -7.88
CA VAL A 43 -10.82 10.80 -7.26
C VAL A 43 -10.84 12.32 -7.24
N GLU A 44 -10.11 12.96 -8.15
CA GLU A 44 -10.31 14.39 -8.39
C GLU A 44 -11.74 14.66 -8.86
N LYS A 45 -12.25 15.86 -8.54
CA LYS A 45 -13.50 16.35 -9.09
C LYS A 45 -13.46 16.14 -10.59
N PRO A 46 -14.54 15.60 -11.21
CA PRO A 46 -15.79 15.33 -10.50
C PRO A 46 -16.03 13.91 -9.95
N LEU A 47 -14.97 13.15 -9.64
CA LEU A 47 -15.09 11.81 -9.05
C LEU A 47 -14.64 11.81 -7.58
N ASN A 48 -14.78 12.92 -6.85
CA ASN A 48 -14.44 12.97 -5.43
C ASN A 48 -15.52 12.32 -4.55
N ASN A 49 -16.77 12.24 -5.01
CA ASN A 49 -17.84 11.76 -4.13
C ASN A 49 -17.83 10.24 -4.08
N PRO A 50 -18.01 9.58 -2.92
CA PRO A 50 -18.08 8.11 -2.90
C PRO A 50 -19.15 7.39 -3.74
N TRP A 51 -20.29 8.02 -4.02
CA TRP A 51 -21.42 7.29 -4.69
C TRP A 51 -21.04 6.75 -6.08
N HIS A 52 -20.12 7.40 -6.76
CA HIS A 52 -19.70 7.00 -8.12
C HIS A 52 -18.87 5.72 -8.12
N TRP A 53 -18.46 5.26 -6.93
CA TRP A 53 -17.42 4.22 -6.88
C TRP A 53 -17.83 2.85 -6.35
N THR A 54 -17.48 1.81 -7.09
CA THR A 54 -17.59 0.44 -6.64
C THR A 54 -16.24 -0.24 -6.80
N ALA A 55 -16.02 -1.21 -5.93
CA ALA A 55 -14.81 -2.03 -5.88
C ALA A 55 -15.12 -3.51 -6.12
N PHE A 56 -14.36 -4.12 -7.04
CA PHE A 56 -14.32 -5.55 -7.23
C PHE A 56 -12.99 -6.11 -6.76
N ALA A 57 -13.10 -7.07 -5.83
CA ALA A 57 -11.98 -7.82 -5.29
C ALA A 57 -12.05 -9.29 -5.72
N GLY A 58 -10.90 -9.91 -5.93
CA GLY A 58 -10.85 -11.37 -6.00
C GLY A 58 -11.30 -11.94 -7.34
N ILE A 59 -11.30 -11.10 -8.37
CA ILE A 59 -11.79 -11.45 -9.69
C ILE A 59 -10.75 -10.94 -10.70
N LEU A 60 -10.25 -11.85 -11.53
CA LEU A 60 -9.11 -11.57 -12.41
C LEU A 60 -9.58 -10.90 -13.69
N ARG A 61 -10.85 -11.15 -14.07
CA ARG A 61 -11.36 -10.79 -15.39
C ARG A 61 -12.52 -9.81 -15.27
N GLN A 62 -12.42 -8.73 -16.05
CA GLN A 62 -13.38 -7.64 -16.02
C GLN A 62 -14.77 -8.16 -16.38
N SER A 63 -14.84 -9.18 -17.25
CA SER A 63 -16.12 -9.61 -17.78
C SER A 63 -16.82 -10.47 -16.72
N PHE A 64 -16.14 -10.79 -15.61
CA PHE A 64 -16.78 -11.48 -14.49
C PHE A 64 -17.04 -10.56 -13.30
N MET A 65 -16.95 -9.25 -13.55
CA MET A 65 -17.29 -8.22 -12.57
C MET A 65 -18.68 -7.64 -12.92
N PHE A 66 -19.71 -8.15 -12.26
CA PHE A 66 -21.07 -8.01 -12.76
C PHE A 66 -21.72 -6.80 -12.10
N TYR A 67 -22.53 -6.04 -12.85
CA TYR A 67 -23.26 -4.90 -12.29
C TYR A 67 -24.03 -5.35 -11.05
N GLY A 68 -23.89 -4.58 -9.97
CA GLY A 68 -24.59 -4.86 -8.72
C GLY A 68 -23.83 -5.82 -7.81
N ALA A 69 -22.74 -6.45 -8.28
CA ALA A 69 -21.96 -7.38 -7.46
C ALA A 69 -20.72 -6.73 -6.84
N GLY A 70 -20.54 -5.42 -7.01
CA GLY A 70 -19.35 -4.77 -6.46
C GLY A 70 -19.60 -4.20 -5.05
N TYR A 71 -18.53 -3.72 -4.42
CA TYR A 71 -18.64 -3.11 -3.12
C TYR A 71 -18.77 -1.59 -3.22
N GLN A 72 -19.92 -1.07 -2.80
CA GLN A 72 -20.11 0.36 -2.85
C GLN A 72 -19.06 1.00 -1.92
N VAL A 73 -18.36 2.00 -2.47
CA VAL A 73 -17.53 2.87 -1.65
C VAL A 73 -18.42 3.86 -0.90
N GLU A 74 -18.10 4.14 0.38
CA GLU A 74 -18.86 4.98 1.29
C GLU A 74 -18.12 6.28 1.61
N LYS A 75 -16.76 6.26 1.62
CA LYS A 75 -15.97 7.44 1.95
CA LYS A 75 -15.97 7.44 1.95
C LYS A 75 -14.77 7.51 1.01
N VAL A 76 -14.48 8.72 0.48
CA VAL A 76 -13.25 9.00 -0.28
C VAL A 76 -12.46 10.09 0.45
N ILE A 77 -11.16 9.84 0.76
CA ILE A 77 -10.28 10.78 1.47
C ILE A 77 -8.98 10.98 0.69
N SER A 78 -8.76 12.19 0.16
CA SER A 78 -7.55 12.58 -0.55
C SER A 78 -6.53 13.23 0.38
N HIS A 79 -5.25 13.12 0.02
CA HIS A 79 -4.20 13.59 0.93
C HIS A 79 -4.33 15.11 0.95
N PRO A 80 -4.24 15.75 2.14
CA PRO A 80 -4.37 17.21 2.22
C PRO A 80 -3.35 18.00 1.40
N ASN A 81 -2.21 17.38 1.09
CA ASN A 81 -1.16 18.08 0.37
C ASN A 81 -1.06 17.56 -1.05
N TYR A 82 -2.07 16.81 -1.52
CA TYR A 82 -2.09 16.37 -2.90
C TYR A 82 -2.08 17.58 -3.80
N ASP A 83 -1.16 17.60 -4.75
CA ASP A 83 -1.03 18.69 -5.69
C ASP A 83 -1.19 18.11 -7.09
N SER A 84 -2.30 18.42 -7.76
CA SER A 84 -2.66 17.81 -9.04
C SER A 84 -1.71 18.27 -10.14
N LYS A 85 -1.11 19.47 -10.04
CA LYS A 85 -0.20 19.97 -11.07
C LYS A 85 1.02 19.06 -11.16
N THR A 86 1.68 18.82 -10.01
CA THR A 86 2.92 18.06 -9.93
C THR A 86 2.70 16.59 -9.63
N LYS A 87 1.48 16.20 -9.23
CA LYS A 87 1.14 14.85 -8.78
C LYS A 87 1.83 14.46 -7.47
N ASN A 88 2.25 15.46 -6.69
CA ASN A 88 2.92 15.19 -5.44
C ASN A 88 1.87 14.78 -4.37
N ASN A 89 2.21 13.80 -3.51
CA ASN A 89 1.33 13.28 -2.47
C ASN A 89 0.05 12.71 -3.08
N ASP A 90 0.21 11.90 -4.11
CA ASP A 90 -0.89 11.28 -4.84
C ASP A 90 -1.22 9.96 -4.13
N ILE A 91 -1.95 10.06 -3.03
CA ILE A 91 -2.52 8.94 -2.32
C ILE A 91 -3.93 9.36 -1.89
N ALA A 92 -4.88 8.42 -1.99
CA ALA A 92 -6.22 8.58 -1.41
C ALA A 92 -6.62 7.30 -0.70
N LEU A 93 -7.56 7.43 0.25
CA LEU A 93 -8.24 6.26 0.79
C LEU A 93 -9.68 6.14 0.29
N MET A 94 -10.11 4.87 0.08
CA MET A 94 -11.50 4.53 -0.06
C MET A 94 -11.94 3.58 1.05
N LYS A 95 -13.09 3.89 1.66
CA LYS A 95 -13.67 3.03 2.67
C LYS A 95 -14.97 2.42 2.13
N LEU A 96 -15.12 1.12 2.24
CA LEU A 96 -16.29 0.39 1.78
C LEU A 96 -17.46 0.50 2.76
N GLN A 97 -18.71 0.47 2.25
CA GLN A 97 -19.91 0.51 3.08
CA GLN A 97 -19.90 0.50 3.10
C GLN A 97 -20.01 -0.80 3.90
N LYS A 98 -19.63 -1.92 3.28
CA LYS A 98 -19.65 -3.25 3.88
C LYS A 98 -18.23 -3.84 3.85
N PRO A 99 -17.74 -4.46 4.94
CA PRO A 99 -16.43 -5.09 4.91
C PRO A 99 -16.35 -6.25 3.93
N LEU A 100 -15.15 -6.42 3.34
CA LEU A 100 -14.82 -7.56 2.49
C LEU A 100 -14.68 -8.79 3.37
N THR A 101 -14.87 -9.96 2.76
CA THR A 101 -14.63 -11.25 3.39
C THR A 101 -13.32 -11.82 2.88
N PHE A 102 -12.34 -11.95 3.77
CA PHE A 102 -11.05 -12.45 3.35
C PHE A 102 -11.15 -13.96 3.15
N ASN A 103 -10.42 -14.40 2.12
CA ASN A 103 -10.35 -15.80 1.75
C ASN A 103 -9.07 -15.97 0.94
N ASP A 104 -9.05 -16.90 -0.02
CA ASP A 104 -7.81 -17.25 -0.69
C ASP A 104 -7.54 -16.32 -1.86
N LEU A 105 -8.60 -15.65 -2.34
CA LEU A 105 -8.49 -14.75 -3.47
C LEU A 105 -8.54 -13.29 -3.05
N VAL A 106 -8.91 -13.04 -1.78
CA VAL A 106 -9.16 -11.70 -1.26
C VAL A 106 -8.55 -11.55 0.14
N LYS A 107 -7.46 -10.77 0.21
CA LYS A 107 -6.60 -10.64 1.37
C LYS A 107 -5.85 -9.31 1.35
N PRO A 108 -5.53 -8.67 2.50
CA PRO A 108 -4.81 -7.39 2.49
C PRO A 108 -3.29 -7.48 2.34
N VAL A 109 -2.69 -6.39 1.83
CA VAL A 109 -1.25 -6.20 1.82
C VAL A 109 -0.81 -5.47 3.09
N CYS A 110 0.47 -5.65 3.50
CA CYS A 110 0.96 -4.98 4.70
C CYS A 110 1.36 -3.56 4.36
N LEU A 111 0.93 -2.62 5.18
CA LEU A 111 1.47 -1.28 5.07
C LEU A 111 2.95 -1.35 5.41
N PRO A 112 3.83 -0.56 4.76
CA PRO A 112 5.23 -0.56 5.08
C PRO A 112 5.43 0.09 6.45
N ASN A 113 6.34 -0.51 7.22
CA ASN A 113 6.90 0.05 8.45
C ASN A 113 8.15 0.84 8.12
N PRO A 114 8.45 1.96 8.82
CA PRO A 114 9.81 2.50 8.78
C PRO A 114 10.89 1.46 9.16
N GLY A 115 12.09 1.62 8.61
CA GLY A 115 13.15 0.65 8.85
C GLY A 115 13.03 -0.59 7.98
N MET A 116 12.41 -0.47 6.80
CA MET A 116 12.33 -1.59 5.86
C MET A 116 13.72 -1.93 5.30
N MET A 117 14.57 -0.90 5.14
CA MET A 117 15.92 -1.07 4.61
CA MET A 117 15.91 -1.04 4.59
C MET A 117 15.85 -1.82 3.28
N LEU A 118 15.06 -1.28 2.34
CA LEU A 118 14.94 -1.87 1.01
C LEU A 118 16.27 -1.69 0.28
N GLN A 119 16.58 -2.61 -0.63
CA GLN A 119 17.73 -2.45 -1.48
C GLN A 119 17.46 -1.21 -2.34
N PRO A 120 18.51 -0.48 -2.77
CA PRO A 120 18.35 0.63 -3.72
C PRO A 120 17.64 0.26 -5.02
N GLU A 121 17.88 -0.96 -5.49
CA GLU A 121 17.17 -1.48 -6.64
C GLU A 121 16.32 -2.70 -6.25
N GLN A 122 15.57 -2.58 -5.15
CA GLN A 122 14.73 -3.65 -4.66
C GLN A 122 13.80 -4.20 -5.75
N LEU A 123 13.72 -5.53 -5.84
CA LEU A 123 12.81 -6.28 -6.71
C LEU A 123 11.36 -6.09 -6.21
N CYS A 124 10.52 -5.52 -7.06
CA CYS A 124 9.12 -5.27 -6.76
C CYS A 124 8.24 -5.92 -7.84
N TRP A 125 6.94 -5.97 -7.57
CA TRP A 125 5.93 -6.30 -8.57
C TRP A 125 4.88 -5.19 -8.67
N ILE A 126 4.36 -5.01 -9.88
CA ILE A 126 3.20 -4.17 -10.18
C ILE A 126 2.11 -5.06 -10.77
N SER A 127 0.85 -4.71 -10.52
CA SER A 127 -0.27 -5.44 -11.11
C SER A 127 -1.37 -4.45 -11.51
N GLY A 128 -2.30 -4.92 -12.37
CA GLY A 128 -3.50 -4.14 -12.70
C GLY A 128 -4.10 -4.44 -14.08
N TRP A 129 -5.17 -3.64 -14.39
CA TRP A 129 -5.94 -3.83 -15.61
C TRP A 129 -5.64 -2.73 -16.61
N GLY A 130 -4.48 -2.08 -16.50
CA GLY A 130 -4.15 -1.01 -17.42
C GLY A 130 -3.89 -1.54 -18.83
N ALA A 131 -3.77 -0.59 -19.78
CA ALA A 131 -3.34 -0.86 -21.16
C ALA A 131 -2.10 -1.74 -21.15
N THR A 132 -1.95 -2.59 -22.17
CA THR A 132 -0.77 -3.43 -22.33
C THR A 132 0.15 -2.87 -23.42
N GLU A 133 -0.14 -1.62 -23.83
CA GLU A 133 0.60 -0.81 -24.78
C GLU A 133 0.11 0.62 -24.66
N GLU A 134 0.96 1.57 -24.99
CA GLU A 134 0.63 2.98 -24.82
C GLU A 134 -0.60 3.34 -25.66
N LYS A 135 -1.63 3.88 -25.02
CA LYS A 135 -2.84 4.33 -25.68
C LYS A 135 -3.76 3.14 -26.04
N GLY A 136 -3.56 1.99 -25.41
CA GLY A 136 -4.42 0.84 -25.59
C GLY A 136 -5.60 0.89 -24.64
N LYS A 137 -6.45 -0.13 -24.71
CA LYS A 137 -7.64 -0.18 -23.87
C LYS A 137 -7.35 -0.97 -22.60
N THR A 138 -8.27 -0.81 -21.64
CA THR A 138 -8.28 -1.64 -20.44
C THR A 138 -8.10 -3.09 -20.83
N SER A 139 -7.28 -3.78 -20.05
CA SER A 139 -7.03 -5.19 -20.17
C SER A 139 -8.17 -5.92 -19.50
N GLU A 140 -8.65 -6.96 -20.18
CA GLU A 140 -9.71 -7.82 -19.68
CA GLU A 140 -9.70 -7.83 -19.70
C GLU A 140 -9.23 -8.57 -18.44
N VAL A 141 -7.98 -9.07 -18.49
CA VAL A 141 -7.36 -9.88 -17.46
C VAL A 141 -6.42 -9.02 -16.61
N LEU A 142 -6.34 -9.29 -15.33
CA LEU A 142 -5.33 -8.66 -14.49
C LEU A 142 -3.93 -9.12 -14.93
N ASN A 143 -3.01 -8.18 -15.15
CA ASN A 143 -1.62 -8.50 -15.46
C ASN A 143 -0.67 -8.11 -14.30
N ALA A 144 0.52 -8.72 -14.28
CA ALA A 144 1.56 -8.33 -13.33
C ALA A 144 2.93 -8.46 -13.98
N ALA A 145 3.85 -7.66 -13.48
CA ALA A 145 5.21 -7.60 -13.97
C ALA A 145 6.17 -7.31 -12.81
N LYS A 146 7.33 -7.96 -12.88
CA LYS A 146 8.52 -7.61 -12.09
C LYS A 146 9.13 -6.30 -12.59
N VAL A 147 9.39 -5.40 -11.62
CA VAL A 147 10.11 -4.15 -11.87
C VAL A 147 11.15 -3.95 -10.75
N LEU A 148 12.21 -3.20 -11.02
CA LEU A 148 13.12 -2.81 -9.95
C LEU A 148 12.88 -1.34 -9.59
N LEU A 149 13.11 -1.02 -8.29
CA LEU A 149 13.26 0.35 -7.86
C LEU A 149 14.40 1.00 -8.65
N ILE A 150 14.16 2.24 -9.07
CA ILE A 150 15.13 3.08 -9.72
C ILE A 150 15.52 4.16 -8.72
N GLU A 151 16.85 4.34 -8.54
CA GLU A 151 17.31 5.26 -7.51
C GLU A 151 16.87 6.68 -7.83
N THR A 152 16.56 7.43 -6.76
CA THR A 152 16.00 8.75 -6.92
C THR A 152 16.97 9.63 -7.71
N GLN A 153 18.28 9.55 -7.43
CA GLN A 153 19.25 10.41 -8.08
C GLN A 153 19.16 10.23 -9.59
N ARG A 154 19.19 8.94 -10.00
CA ARG A 154 19.09 8.55 -11.39
C ARG A 154 17.74 8.99 -11.98
N CYS A 155 16.65 8.80 -11.25
CA CYS A 155 15.33 9.14 -11.76
C CYS A 155 15.16 10.65 -11.98
N ASN A 156 15.83 11.44 -11.14
CA ASN A 156 15.78 12.89 -11.19
C ASN A 156 16.79 13.50 -12.16
N SER A 157 17.60 12.69 -12.83
CA SER A 157 18.62 13.21 -13.73
C SER A 157 17.96 13.85 -14.94
N ARG A 158 18.76 14.68 -15.63
CA ARG A 158 18.37 15.50 -16.77
C ARG A 158 17.68 14.64 -17.83
N TYR A 159 18.19 13.43 -18.00
CA TYR A 159 17.70 12.54 -19.09
C TYR A 159 16.50 11.70 -18.66
N VAL A 160 16.07 11.80 -17.40
CA VAL A 160 14.85 11.06 -16.97
C VAL A 160 13.77 12.07 -16.55
N TYR A 161 13.50 12.25 -15.25
CA TYR A 161 12.35 13.12 -14.83
C TYR A 161 12.84 14.52 -14.42
N ASP A 162 14.14 14.76 -14.39
CA ASP A 162 14.71 16.12 -14.18
C ASP A 162 14.12 16.89 -12.99
N ASN A 163 14.40 16.46 -11.77
CA ASN A 163 14.07 17.20 -10.56
C ASN A 163 12.58 17.22 -10.25
N LEU A 164 11.79 16.35 -10.88
CA LEU A 164 10.35 16.24 -10.61
C LEU A 164 10.06 15.20 -9.52
N ILE A 165 11.06 14.42 -9.12
CA ILE A 165 10.84 13.29 -8.22
C ILE A 165 11.11 13.70 -6.78
N THR A 166 10.02 13.84 -6.02
CA THR A 166 10.07 14.42 -4.70
C THR A 166 10.25 13.28 -3.71
N PRO A 167 10.47 13.56 -2.42
CA PRO A 167 10.52 12.48 -1.42
C PRO A 167 9.24 11.67 -1.21
N ALA A 168 8.08 12.19 -1.59
CA ALA A 168 6.84 11.41 -1.52
C ALA A 168 6.61 10.59 -2.80
N MET A 169 7.66 10.42 -3.61
CA MET A 169 7.59 9.65 -4.85
C MET A 169 8.70 8.61 -4.87
N ILE A 170 8.44 7.48 -5.55
CA ILE A 170 9.46 6.51 -5.88
C ILE A 170 9.27 6.05 -7.33
N CYS A 171 10.42 5.87 -8.00
CA CYS A 171 10.45 5.41 -9.36
C CYS A 171 10.71 3.92 -9.44
N ALA A 172 10.19 3.31 -10.51
CA ALA A 172 10.38 1.88 -10.72
C ALA A 172 10.18 1.57 -12.20
N GLY A 173 10.87 0.52 -12.61
CA GLY A 173 10.81 0.05 -13.97
C GLY A 173 12.19 -0.31 -14.46
N PHE A 174 12.40 -0.08 -15.76
CA PHE A 174 13.67 -0.25 -16.44
C PHE A 174 13.95 0.95 -17.32
N LEU A 175 15.16 1.53 -17.31
CA LEU A 175 15.37 2.71 -18.16
C LEU A 175 15.37 2.38 -19.66
N GLN A 176 15.54 1.10 -20.03
CA GLN A 176 15.33 0.66 -21.41
C GLN A 176 13.83 0.58 -21.76
N GLY A 177 12.95 0.72 -20.76
CA GLY A 177 11.52 0.57 -20.95
C GLY A 177 11.10 -0.90 -21.07
N ASN A 178 10.07 -1.11 -21.91
CA ASN A 178 9.51 -2.40 -22.28
C ASN A 178 8.55 -2.97 -21.23
N VAL A 179 8.93 -2.89 -19.94
CA VAL A 179 8.06 -3.28 -18.83
C VAL A 179 7.65 -2.03 -18.05
N ASP A 180 6.37 -1.86 -17.75
CA ASP A 180 5.95 -0.67 -17.01
C ASP A 180 4.47 -0.79 -16.61
N SER A 181 4.03 0.17 -15.79
CA SER A 181 2.61 0.48 -15.65
C SER A 181 2.16 1.36 -16.82
N CYS A 182 0.83 1.49 -16.92
CA CYS A 182 0.17 2.23 -17.97
C CYS A 182 -1.19 2.65 -17.43
N GLN A 183 -1.95 3.40 -18.23
CA GLN A 183 -3.19 4.02 -17.82
C GLN A 183 -4.26 2.95 -17.59
N GLY A 184 -4.94 3.07 -16.44
CA GLY A 184 -5.74 2.00 -15.87
C GLY A 184 -5.08 1.35 -14.64
N ASP A 185 -3.76 1.31 -14.61
CA ASP A 185 -3.04 0.66 -13.54
C ASP A 185 -2.95 1.62 -12.33
N SER A 186 -3.17 2.91 -12.59
CA SER A 186 -2.99 3.97 -11.62
C SER A 186 -3.86 3.76 -10.38
N GLY A 187 -3.30 4.05 -9.17
CA GLY A 187 -3.89 3.78 -7.85
C GLY A 187 -3.53 2.37 -7.36
N GLY A 188 -3.02 1.58 -8.29
CA GLY A 188 -2.78 0.19 -8.01
C GLY A 188 -1.50 0.00 -7.19
N PRO A 189 -1.17 -1.25 -6.82
CA PRO A 189 0.03 -1.54 -6.02
C PRO A 189 1.39 -1.71 -6.70
N LEU A 190 2.40 -1.21 -5.99
CA LEU A 190 3.80 -1.60 -6.17
C LEU A 190 4.17 -2.30 -4.86
N VAL A 191 4.53 -3.58 -4.91
CA VAL A 191 4.75 -4.36 -3.70
C VAL A 191 6.10 -5.05 -3.83
N THR A 192 6.66 -5.50 -2.68
CA THR A 192 7.91 -6.23 -2.58
C THR A 192 7.80 -7.20 -1.42
N SER A 193 8.49 -8.32 -1.57
CA SER A 193 8.53 -9.36 -0.56
C SER A 193 9.81 -9.20 0.24
N LYS A 194 9.68 -9.23 1.56
CA LYS A 194 10.83 -9.16 2.45
C LYS A 194 10.41 -9.78 3.78
N ASN A 195 11.25 -10.68 4.30
CA ASN A 195 10.98 -11.40 5.54
C ASN A 195 9.71 -12.26 5.40
N ASN A 196 9.45 -12.76 4.19
CA ASN A 196 8.29 -13.57 3.85
C ASN A 196 6.98 -12.80 3.96
N ILE A 197 7.01 -11.50 3.74
CA ILE A 197 5.79 -10.70 3.77
C ILE A 197 5.78 -9.79 2.56
N TRP A 198 4.60 -9.67 1.93
CA TRP A 198 4.39 -8.65 0.90
C TRP A 198 3.98 -7.32 1.52
N TRP A 199 4.70 -6.27 1.15
CA TRP A 199 4.51 -4.91 1.67
C TRP A 199 4.09 -3.98 0.53
N LEU A 200 3.18 -3.06 0.79
CA LEU A 200 2.82 -2.02 -0.15
C LEU A 200 3.80 -0.86 -0.03
N ILE A 201 4.67 -0.76 -1.03
CA ILE A 201 5.74 0.22 -1.18
C ILE A 201 5.28 1.47 -1.92
N GLY A 202 4.38 1.29 -2.90
CA GLY A 202 3.93 2.43 -3.67
C GLY A 202 2.58 2.21 -4.30
N ASP A 203 1.98 3.33 -4.73
CA ASP A 203 0.69 3.34 -5.43
C ASP A 203 0.90 4.00 -6.79
N THR A 204 0.54 3.31 -7.88
CA THR A 204 0.88 3.72 -9.25
C THR A 204 0.30 5.10 -9.50
N SER A 205 1.17 6.03 -9.94
CA SER A 205 0.89 7.46 -9.87
C SER A 205 0.99 8.13 -11.25
N TRP A 206 2.21 8.21 -11.85
CA TRP A 206 2.41 9.00 -13.06
C TRP A 206 3.69 8.64 -13.82
N GLY A 207 3.82 9.27 -15.00
CA GLY A 207 5.04 9.23 -15.80
C GLY A 207 4.71 9.53 -17.26
N SER A 208 5.70 9.46 -18.14
CA SER A 208 5.53 9.88 -19.53
CA SER A 208 5.52 9.88 -19.53
C SER A 208 5.40 8.67 -20.43
N GLY A 209 4.23 8.57 -21.07
CA GLY A 209 3.83 7.44 -21.90
C GLY A 209 3.89 6.16 -21.09
N CYS A 210 4.13 5.04 -21.80
CA CYS A 210 4.17 3.72 -21.23
C CYS A 210 5.26 2.87 -21.86
N ALA A 211 6.13 2.29 -21.03
CA ALA A 211 7.16 1.38 -21.47
C ALA A 211 8.17 2.04 -22.42
N LYS A 212 8.33 3.38 -22.38
CA LYS A 212 9.39 4.04 -23.15
C LYS A 212 10.68 4.17 -22.34
N ALA A 213 11.80 4.10 -23.07
CA ALA A 213 13.16 4.27 -22.55
C ALA A 213 13.25 5.63 -21.86
N TYR A 214 13.79 5.60 -20.66
CA TYR A 214 14.09 6.77 -19.86
C TYR A 214 12.82 7.41 -19.34
N ARG A 215 11.68 6.71 -19.41
CA ARG A 215 10.43 7.26 -18.91
C ARG A 215 9.79 6.20 -18.02
N PRO A 216 10.34 5.94 -16.83
CA PRO A 216 9.80 4.88 -15.99
C PRO A 216 8.49 5.30 -15.34
N GLY A 217 7.91 4.39 -14.53
CA GLY A 217 6.77 4.73 -13.71
C GLY A 217 7.19 5.43 -12.42
N VAL A 218 6.33 6.35 -11.97
CA VAL A 218 6.46 7.00 -10.68
C VAL A 218 5.30 6.57 -9.77
N TYR A 219 5.65 6.23 -8.53
CA TYR A 219 4.73 5.68 -7.57
C TYR A 219 4.69 6.64 -6.38
N GLY A 220 3.52 6.74 -5.72
CA GLY A 220 3.47 7.44 -4.44
C GLY A 220 4.20 6.58 -3.43
N ASN A 221 5.06 7.22 -2.62
CA ASN A 221 5.90 6.55 -1.64
C ASN A 221 5.07 6.34 -0.37
N VAL A 222 4.38 5.18 -0.30
CA VAL A 222 3.41 4.87 0.74
C VAL A 222 4.05 4.88 2.14
N MET A 223 5.36 4.65 2.21
CA MET A 223 6.10 4.71 3.46
C MET A 223 5.95 6.11 4.08
N VAL A 224 6.05 7.19 3.28
CA VAL A 224 5.93 8.54 3.80
C VAL A 224 4.48 8.84 4.21
N PHE A 225 3.46 8.08 3.73
CA PHE A 225 2.08 8.41 4.06
C PHE A 225 1.47 7.48 5.12
N THR A 226 2.17 6.48 5.63
CA THR A 226 1.51 5.50 6.48
CA THR A 226 1.60 5.49 6.54
C THR A 226 0.93 6.20 7.71
N ASP A 227 1.60 7.22 8.23
CA ASP A 227 1.11 7.84 9.46
C ASP A 227 -0.20 8.57 9.19
N TRP A 228 -0.30 9.30 8.06
CA TRP A 228 -1.56 9.90 7.67
C TRP A 228 -2.64 8.82 7.57
N ILE A 229 -2.28 7.62 7.07
CA ILE A 229 -3.27 6.60 6.77
C ILE A 229 -3.82 6.10 8.10
N TYR A 230 -2.90 5.82 9.03
CA TYR A 230 -3.23 5.44 10.40
C TYR A 230 -4.13 6.46 11.08
N ARG A 231 -3.82 7.77 10.93
CA ARG A 231 -4.69 8.80 11.49
C ARG A 231 -6.09 8.70 10.85
N GLN A 232 -6.17 8.53 9.52
CA GLN A 232 -7.46 8.52 8.84
C GLN A 232 -8.29 7.37 9.39
N MET A 233 -7.66 6.19 9.50
CA MET A 233 -8.35 5.00 9.93
C MET A 233 -8.80 5.14 11.39
N ARG A 234 -7.96 5.74 12.24
CA ARG A 234 -8.32 5.97 13.63
C ARG A 234 -9.47 6.98 13.78
N ALA A 235 -9.54 7.98 12.91
CA ALA A 235 -10.50 9.05 13.09
C ALA A 235 -11.90 8.57 12.73
N ASP A 236 -11.98 7.60 11.82
CA ASP A 236 -13.26 7.06 11.35
C ASP A 236 -13.96 6.30 12.48
N GLY A 237 -15.18 6.75 12.82
CA GLY A 237 -15.90 6.32 14.00
C GLY A 237 -16.46 7.49 14.79
N VAL B 4 3.56 6.11 18.92
CA VAL B 4 3.53 4.63 18.74
C VAL B 4 3.76 4.34 17.26
N ARG B 5 4.42 3.21 16.96
CA ARG B 5 4.76 2.78 15.62
C ARG B 5 5.26 1.34 15.67
N LEU B 6 5.23 0.62 14.53
CA LEU B 6 5.90 -0.68 14.39
C LEU B 6 7.12 -0.45 13.50
N TYR B 7 8.28 -0.97 13.89
CA TYR B 7 9.52 -0.63 13.22
C TYR B 7 10.11 -1.86 12.53
N GLY B 8 10.34 -1.74 11.22
CA GLY B 8 11.07 -2.76 10.49
C GLY B 8 10.23 -3.98 10.15
N PRO B 9 10.81 -4.99 9.46
CA PRO B 9 10.03 -6.12 8.94
C PRO B 9 9.60 -7.13 10.00
N ASN B 10 9.98 -6.87 11.27
CA ASN B 10 9.60 -7.74 12.37
C ASN B 10 8.63 -7.04 13.32
N PHE B 11 8.12 -5.86 12.94
CA PHE B 11 6.95 -5.29 13.58
C PHE B 11 7.25 -4.97 15.04
N ILE B 12 8.37 -4.27 15.26
CA ILE B 12 8.84 -3.96 16.61
C ILE B 12 8.17 -2.67 17.09
N LEU B 13 7.27 -2.85 18.07
CA LEU B 13 6.54 -1.79 18.72
C LEU B 13 7.53 -0.86 19.41
N GLN B 14 7.52 0.42 18.99
CA GLN B 14 8.37 1.46 19.53
C GLN B 14 7.52 2.68 19.93
N VAL B 15 8.06 3.52 20.81
CA VAL B 15 7.33 4.72 21.32
C VAL B 15 8.31 5.90 21.33
N TYR B 16 7.84 7.10 21.01
CA TYR B 16 8.79 8.22 20.84
C TYR B 16 8.98 9.02 22.14
N SER B 17 10.09 9.74 22.22
CA SER B 17 10.42 10.59 23.39
C SER B 17 9.23 11.47 23.80
N SER B 18 8.59 11.18 24.93
CA SER B 18 7.41 11.94 25.45
C SER B 18 6.11 11.25 25.01
N LYS B 21 14.25 13.09 20.36
CA LYS B 21 14.83 12.62 19.06
C LYS B 21 15.31 11.18 19.22
N SER B 22 14.47 10.34 19.86
CA SER B 22 14.78 8.94 20.07
C SER B 22 13.48 8.13 20.08
N TRP B 23 13.47 6.99 19.36
CA TRP B 23 12.46 5.95 19.52
C TRP B 23 13.04 4.80 20.36
N HIS B 24 12.19 4.16 21.16
CA HIS B 24 12.66 3.17 22.10
C HIS B 24 11.67 2.00 22.14
N PRO B 25 12.11 0.77 21.83
CA PRO B 25 11.21 -0.39 21.82
C PRO B 25 10.64 -0.73 23.19
N VAL B 26 9.75 -1.72 23.22
CA VAL B 26 8.92 -2.02 24.38
C VAL B 26 9.21 -3.45 24.84
N CYS B 27 9.51 -3.60 26.16
CA CYS B 27 9.89 -4.86 26.76
C CYS B 27 8.71 -5.84 26.76
N GLN B 28 9.03 -7.12 26.50
CA GLN B 28 8.04 -8.19 26.48
C GLN B 28 7.71 -8.61 27.91
N ASP B 29 8.34 -7.96 28.91
CA ASP B 29 8.09 -8.19 30.33
C ASP B 29 6.70 -7.68 30.68
N ASP B 30 5.76 -8.62 30.86
CA ASP B 30 4.44 -8.36 31.41
C ASP B 30 3.35 -8.32 30.33
N TRP B 31 3.74 -8.44 29.04
CA TRP B 31 2.84 -8.15 27.93
C TRP B 31 1.85 -9.30 27.70
N ASN B 32 0.61 -8.97 27.30
CA ASN B 32 -0.38 -9.96 26.89
C ASN B 32 -1.14 -9.48 25.66
N GLU B 33 -1.92 -10.39 25.06
CA GLU B 33 -2.66 -10.14 23.81
C GLU B 33 -3.81 -9.18 24.06
N ASN B 34 -4.06 -8.81 25.33
CA ASN B 34 -5.08 -7.83 25.69
C ASN B 34 -4.47 -6.42 25.70
N TYR B 35 -3.17 -6.31 26.00
CA TYR B 35 -2.46 -5.05 25.87
C TYR B 35 -2.08 -4.82 24.40
N GLY B 36 -2.03 -5.91 23.62
CA GLY B 36 -1.77 -5.87 22.19
C GLY B 36 -2.85 -5.12 21.42
N ARG B 37 -4.12 -5.41 21.74
CA ARG B 37 -5.26 -4.81 21.09
C ARG B 37 -5.30 -3.30 21.31
N ALA B 38 -4.82 -2.85 22.47
CA ALA B 38 -4.88 -1.44 22.83
C ALA B 38 -4.01 -0.62 21.89
N ALA B 39 -2.80 -1.15 21.61
CA ALA B 39 -1.85 -0.47 20.74
C ALA B 39 -2.34 -0.51 19.29
N CYS B 40 -3.06 -1.58 18.92
CA CYS B 40 -3.61 -1.78 17.57
C CYS B 40 -4.74 -0.78 17.28
N ARG B 41 -5.73 -0.68 18.18
CA ARG B 41 -6.78 0.32 18.06
C ARG B 41 -6.19 1.73 18.04
N ASP B 42 -5.23 1.96 18.94
CA ASP B 42 -4.48 3.22 18.99
C ASP B 42 -3.92 3.51 17.62
N MET B 43 -3.39 2.50 16.89
CA MET B 43 -2.84 2.73 15.55
C MET B 43 -3.90 2.96 14.48
N GLY B 44 -5.16 2.53 14.73
CA GLY B 44 -6.27 2.81 13.84
C GLY B 44 -6.97 1.54 13.35
N TYR B 45 -6.53 0.39 13.85
CA TYR B 45 -6.92 -0.90 13.29
C TYR B 45 -8.21 -1.46 13.91
N LYS B 46 -8.86 -0.72 14.80
CA LYS B 46 -10.16 -1.17 15.30
C LYS B 46 -10.02 -2.54 15.99
N ASN B 47 -10.94 -3.46 15.69
CA ASN B 47 -10.97 -4.74 16.38
C ASN B 47 -10.20 -5.77 15.56
N ASN B 48 -9.22 -5.32 14.76
CA ASN B 48 -8.30 -6.19 14.05
C ASN B 48 -7.11 -6.52 14.95
N PHE B 49 -6.81 -7.81 15.09
CA PHE B 49 -5.63 -8.27 15.80
C PHE B 49 -5.16 -9.53 15.10
N TYR B 50 -3.84 -9.80 15.19
CA TYR B 50 -3.29 -11.03 14.62
C TYR B 50 -2.44 -11.75 15.67
N SER B 51 -1.28 -11.16 15.96
CA SER B 51 -0.31 -11.80 16.87
C SER B 51 0.44 -10.72 17.65
N SER B 52 0.94 -11.07 18.83
CA SER B 52 1.71 -10.12 19.67
C SER B 52 2.86 -10.87 20.34
N GLN B 53 3.59 -11.67 19.57
CA GLN B 53 4.72 -12.45 20.13
C GLN B 53 5.85 -11.56 20.64
N GLY B 54 6.80 -12.15 21.36
CA GLY B 54 7.97 -11.40 21.83
C GLY B 54 9.21 -11.87 21.10
N ILE B 55 10.13 -10.96 20.78
CA ILE B 55 11.29 -11.37 19.95
C ILE B 55 12.57 -10.78 20.54
N VAL B 56 13.73 -11.12 19.98
CA VAL B 56 15.01 -10.71 20.55
C VAL B 56 15.24 -9.20 20.37
N ASP B 57 15.87 -8.59 21.40
CA ASP B 57 16.08 -7.15 21.48
C ASP B 57 16.21 -6.53 20.09
N SER B 61 18.90 0.54 19.62
CA SER B 61 18.59 1.09 20.95
C SER B 61 19.37 0.32 22.03
N THR B 62 19.49 0.95 23.21
CA THR B 62 19.80 0.23 24.44
C THR B 62 18.68 0.48 25.45
N SER B 63 18.12 1.70 25.50
CA SER B 63 17.03 2.01 26.41
C SER B 63 15.72 1.46 25.85
N PHE B 64 15.03 0.75 26.74
CA PHE B 64 13.78 0.05 26.43
C PHE B 64 12.65 0.75 27.19
N MET B 65 11.43 0.22 27.07
CA MET B 65 10.27 0.76 27.79
C MET B 65 9.50 -0.40 28.38
N LYS B 66 9.32 -0.40 29.72
CA LYS B 66 8.60 -1.47 30.39
C LYS B 66 7.30 -0.92 30.95
N LEU B 67 6.27 -1.79 30.99
CA LEU B 67 4.93 -1.44 31.46
C LEU B 67 5.01 -0.97 32.92
N ILE B 76 -3.40 2.59 28.55
CA ILE B 76 -2.56 1.46 28.07
C ILE B 76 -1.18 1.98 27.70
N TYR B 77 -1.07 2.71 26.58
CA TYR B 77 0.22 3.10 26.03
C TYR B 77 0.71 4.41 26.65
N LYS B 78 0.50 4.59 27.97
CA LYS B 78 1.18 5.65 28.73
C LYS B 78 1.58 5.12 30.12
N LYS B 79 1.67 3.78 30.24
CA LYS B 79 1.91 3.10 31.51
C LYS B 79 3.32 2.54 31.54
N LEU B 80 4.32 3.33 31.12
CA LEU B 80 5.70 2.86 30.95
C LEU B 80 6.66 4.04 30.83
N TYR B 81 7.95 3.81 31.12
CA TYR B 81 8.92 4.87 31.39
C TYR B 81 10.24 4.64 30.62
N ALA B 85 16.06 2.56 29.91
CA ALA B 85 14.99 2.89 30.88
C ALA B 85 14.37 1.58 31.40
N CYS B 86 15.06 0.46 31.20
CA CYS B 86 14.61 -0.86 31.73
C CYS B 86 15.50 -1.95 31.14
N SER B 87 15.02 -3.20 31.07
CA SER B 87 15.75 -4.37 30.50
C SER B 87 15.24 -5.63 31.19
N SER B 88 14.91 -6.69 30.44
CA SER B 88 14.29 -7.89 31.06
C SER B 88 14.17 -9.02 30.05
N LYS B 89 14.94 -8.95 28.96
CA LYS B 89 14.97 -10.02 27.93
C LYS B 89 13.73 -10.00 27.03
N ALA B 90 13.92 -9.86 25.70
CA ALA B 90 12.82 -9.98 24.70
C ALA B 90 11.94 -8.73 24.54
N VAL B 91 11.76 -8.25 23.30
CA VAL B 91 10.84 -7.15 23.00
C VAL B 91 9.54 -7.64 22.33
N VAL B 92 8.57 -6.72 22.22
CA VAL B 92 7.25 -7.00 21.66
C VAL B 92 7.32 -6.94 20.13
N SER B 93 6.75 -7.97 19.49
CA SER B 93 6.43 -7.96 18.08
C SER B 93 4.91 -7.97 17.88
N LEU B 94 4.36 -6.84 17.44
CA LEU B 94 2.92 -6.72 17.32
C LEU B 94 2.51 -6.73 15.84
N ARG B 95 1.65 -7.68 15.48
CA ARG B 95 0.93 -7.64 14.22
C ARG B 95 -0.55 -7.42 14.48
N CYS B 96 -1.09 -6.35 13.90
CA CYS B 96 -2.48 -5.96 14.06
C CYS B 96 -3.38 -6.61 13.00
N ILE B 97 -2.79 -7.17 11.93
CA ILE B 97 -3.61 -7.77 10.88
C ILE B 97 -2.81 -8.86 10.17
N ALA B 98 -3.50 -9.96 9.83
CA ALA B 98 -2.96 -10.96 8.94
C ALA B 98 -2.94 -10.38 7.52
N CYS B 99 -1.78 -9.88 7.14
CA CYS B 99 -1.60 -9.34 5.81
C CYS B 99 -0.30 -9.90 5.20
N GLY B 100 -0.12 -9.65 3.90
CA GLY B 100 1.17 -9.82 3.27
C GLY B 100 1.44 -11.26 2.84
N VAL B 101 0.38 -12.02 2.54
CA VAL B 101 0.56 -13.38 2.09
C VAL B 101 -0.26 -13.59 0.81
N ASN B 102 0.23 -14.54 0.01
CA ASN B 102 -0.39 -14.82 -1.27
C ASN B 102 -0.17 -16.29 -1.61
N LEU B 103 -0.45 -16.63 -2.88
CA LEU B 103 -0.44 -17.96 -3.47
C LEU B 103 0.82 -18.76 -3.14
N ASN B 104 2.00 -18.19 -3.42
CA ASN B 104 3.26 -18.85 -3.12
C ASN B 104 3.78 -18.40 -1.75
N ASP B 105 2.91 -18.43 -0.73
CA ASP B 105 3.18 -17.83 0.57
C ASP B 105 3.57 -16.35 0.41
#